data_7COT
#
_entry.id   7COT
#
_cell.length_a   51.968
_cell.length_b   51.968
_cell.length_c   116.225
_cell.angle_alpha   90.000
_cell.angle_beta   90.000
_cell.angle_gamma   120.000
#
_symmetry.space_group_name_H-M   'P 3'
#
loop_
_entity.id
_entity.type
_entity.pdbx_description
1 polymer 'Spike glycoprotein'
2 water water
#
_entity_poly.entity_id   1
_entity_poly.type   'polypeptide(L)'
_entity_poly.pdbx_seq_one_letter_code
;GVTQNVLYENQKLIANQFNSAIGKIQDSLSSTASALGKLQDVVNQNAQALNTLVKQLSSNFGAISSVLNDILSRLDKVES
GGRGGPDVDLGDISGINASVVNIQKEIDRLNEVAKNLNESLIDLQELGKY
;
_entity_poly.pdbx_strand_id   A,B,C
#
# COMPACT_ATOMS: atom_id res chain seq x y z
N THR A 3 -45.11 -27.71 -33.72
CA THR A 3 -44.33 -27.68 -32.49
C THR A 3 -42.90 -27.20 -32.73
N GLN A 4 -42.30 -27.60 -33.85
CA GLN A 4 -40.90 -27.26 -34.10
C GLN A 4 -40.70 -25.76 -34.29
N ASN A 5 -41.69 -25.07 -34.86
CA ASN A 5 -41.55 -23.62 -35.01
C ASN A 5 -41.80 -22.90 -33.69
N VAL A 6 -42.72 -23.38 -32.86
CA VAL A 6 -42.85 -22.84 -31.50
C VAL A 6 -41.60 -23.16 -30.67
N LEU A 7 -41.05 -24.37 -30.82
CA LEU A 7 -39.90 -24.76 -30.00
C LEU A 7 -38.67 -23.92 -30.35
N TYR A 8 -38.45 -23.67 -31.65
CA TYR A 8 -37.26 -22.92 -32.07
C TYR A 8 -37.42 -21.44 -31.76
N GLU A 9 -38.62 -20.89 -31.93
CA GLU A 9 -38.88 -19.50 -31.58
C GLU A 9 -38.76 -19.30 -30.07
N ASN A 10 -39.17 -20.31 -29.29
CA ASN A 10 -38.94 -20.32 -27.84
C ASN A 10 -37.46 -20.20 -27.52
N GLN A 11 -36.64 -21.04 -28.18
CA GLN A 11 -35.20 -21.04 -27.90
C GLN A 11 -34.54 -19.71 -28.25
N LYS A 12 -34.92 -19.13 -29.39
CA LYS A 12 -34.49 -17.78 -29.73
C LYS A 12 -34.89 -16.79 -28.63
N LEU A 13 -36.15 -16.84 -28.19
CA LEU A 13 -36.59 -15.93 -27.14
C LEU A 13 -35.76 -16.11 -25.88
N ILE A 14 -35.47 -17.36 -25.51
CA ILE A 14 -34.70 -17.63 -24.30
C ILE A 14 -33.29 -17.08 -24.43
N ALA A 15 -32.62 -17.37 -25.56
CA ALA A 15 -31.25 -16.90 -25.76
C ALA A 15 -31.19 -15.37 -25.71
N ASN A 16 -32.13 -14.72 -26.41
CA ASN A 16 -32.16 -13.26 -26.49
C ASN A 16 -32.42 -12.62 -25.13
N GLN A 17 -33.35 -13.19 -24.36
CA GLN A 17 -33.64 -12.64 -23.04
C GLN A 17 -32.47 -12.87 -22.09
N PHE A 18 -31.84 -14.04 -22.18
CA PHE A 18 -30.66 -14.33 -21.36
C PHE A 18 -29.52 -13.37 -21.69
N ASN A 19 -29.19 -13.26 -22.99
CA ASN A 19 -28.13 -12.35 -23.41
C ASN A 19 -28.43 -10.94 -22.94
N SER A 20 -29.71 -10.56 -22.99
CA SER A 20 -30.09 -9.22 -22.56
C SER A 20 -29.85 -9.05 -21.07
N ALA A 21 -30.24 -10.06 -20.29
CA ALA A 21 -30.02 -10.00 -18.85
C ALA A 21 -28.53 -9.98 -18.52
N ILE A 22 -27.71 -10.72 -19.28
CA ILE A 22 -26.29 -10.74 -18.97
C ILE A 22 -25.66 -9.36 -19.17
N GLY A 23 -25.98 -8.69 -20.27
CA GLY A 23 -25.50 -7.32 -20.49
C GLY A 23 -25.85 -6.39 -19.34
N LYS A 24 -27.09 -6.47 -18.83
CA LYS A 24 -27.47 -5.60 -17.73
C LYS A 24 -26.69 -5.94 -16.46
N ILE A 25 -26.42 -7.23 -16.24
CA ILE A 25 -25.69 -7.61 -15.04
C ILE A 25 -24.23 -7.16 -15.13
N GLN A 26 -23.64 -7.22 -16.35
CA GLN A 26 -22.27 -6.74 -16.55
C GLN A 26 -22.14 -5.28 -16.15
N ASP A 27 -23.10 -4.44 -16.56
CA ASP A 27 -23.07 -3.02 -16.20
C ASP A 27 -23.20 -2.86 -14.70
N SER A 28 -24.08 -3.64 -14.10
CA SER A 28 -24.23 -3.53 -12.64
C SER A 28 -22.93 -3.96 -11.93
N LEU A 29 -22.22 -4.97 -12.46
CA LEU A 29 -20.97 -5.34 -11.80
C LEU A 29 -19.93 -4.22 -11.93
N SER A 30 -19.88 -3.57 -13.09
CA SER A 30 -18.91 -2.50 -13.31
C SER A 30 -19.23 -1.30 -12.42
N SER A 31 -20.51 -0.98 -12.28
CA SER A 31 -20.93 0.09 -11.38
C SER A 31 -20.55 -0.22 -9.94
N THR A 32 -20.80 -1.45 -9.50
CA THR A 32 -20.44 -1.88 -8.14
C THR A 32 -18.94 -1.79 -7.91
N ALA A 33 -18.15 -2.35 -8.83
CA ALA A 33 -16.70 -2.20 -8.77
C ALA A 33 -16.28 -0.74 -8.69
N SER A 34 -16.89 0.13 -9.52
CA SER A 34 -16.54 1.55 -9.49
C SER A 34 -16.87 2.18 -8.13
N ALA A 35 -18.05 1.88 -7.59
CA ALA A 35 -18.44 2.46 -6.30
C ALA A 35 -17.53 2.01 -5.15
N LEU A 36 -17.23 0.70 -5.10
CA LEU A 36 -16.27 0.20 -4.11
C LEU A 36 -14.91 0.88 -4.22
N GLY A 37 -14.40 1.06 -5.45
CA GLY A 37 -13.11 1.74 -5.58
C GLY A 37 -13.12 3.15 -5.02
N LYS A 38 -14.19 3.90 -5.28
CA LYS A 38 -14.29 5.27 -4.76
C LYS A 38 -14.44 5.28 -3.24
N LEU A 39 -15.28 4.40 -2.68
CA LEU A 39 -15.36 4.28 -1.23
C LEU A 39 -13.99 3.92 -0.64
N GLN A 40 -13.30 2.93 -1.21
CA GLN A 40 -11.99 2.56 -0.68
C GLN A 40 -11.06 3.78 -0.64
N ASP A 41 -11.05 4.59 -1.72
CA ASP A 41 -10.14 5.72 -1.81
C ASP A 41 -10.47 6.80 -0.79
N VAL A 42 -11.76 7.11 -0.60
CA VAL A 42 -12.11 8.19 0.34
C VAL A 42 -11.89 7.73 1.78
N VAL A 43 -12.26 6.47 2.07
CA VAL A 43 -12.05 5.96 3.43
C VAL A 43 -10.58 6.04 3.79
N ASN A 44 -9.71 5.63 2.86
CA ASN A 44 -8.27 5.63 3.11
C ASN A 44 -7.71 7.05 3.18
N GLN A 45 -8.14 7.94 2.28
CA GLN A 45 -7.80 9.36 2.41
C GLN A 45 -8.21 9.92 3.78
N ASN A 46 -9.44 9.62 4.23
CA ASN A 46 -9.87 10.25 5.48
C ASN A 46 -9.21 9.58 6.68
N ALA A 47 -8.85 8.30 6.56
CA ALA A 47 -8.00 7.66 7.57
C ALA A 47 -6.64 8.35 7.67
N GLN A 48 -6.03 8.69 6.53
CA GLN A 48 -4.71 9.36 6.56
C GLN A 48 -4.82 10.76 7.14
N ALA A 49 -5.88 11.49 6.82
CA ALA A 49 -6.13 12.79 7.41
C ALA A 49 -6.24 12.69 8.93
N LEU A 50 -7.01 11.73 9.41
CA LEU A 50 -7.14 11.54 10.87
C LEU A 50 -5.79 11.23 11.50
N ASN A 51 -5.01 10.33 10.89
CA ASN A 51 -3.68 10.02 11.43
C ASN A 51 -2.77 11.23 11.41
N THR A 52 -2.67 11.92 10.27
CA THR A 52 -1.90 13.17 10.25
C THR A 52 -2.36 14.11 11.35
N LEU A 53 -3.69 14.27 11.51
CA LEU A 53 -4.19 15.15 12.56
C LEU A 53 -3.68 14.73 13.93
N VAL A 54 -3.79 13.45 14.27
CA VAL A 54 -3.34 12.97 15.57
C VAL A 54 -1.86 13.31 15.79
N LYS A 55 -1.02 13.05 14.80
CA LYS A 55 0.41 13.27 15.01
C LYS A 55 0.71 14.74 15.25
N GLN A 56 0.05 15.64 14.50
CA GLN A 56 0.28 17.07 14.68
C GLN A 56 -0.31 17.56 15.99
N LEU A 57 -1.44 16.99 16.43
CA LEU A 57 -2.04 17.43 17.68
C LEU A 57 -1.13 17.13 18.86
N SER A 58 -0.64 15.89 18.97
CA SER A 58 0.15 15.55 20.14
C SER A 58 1.45 16.35 20.16
N SER A 59 1.98 16.71 18.99
CA SER A 59 3.10 17.66 18.95
C SER A 59 2.66 19.05 19.42
N ASN A 60 1.41 19.44 19.16
CA ASN A 60 0.91 20.70 19.70
C ASN A 60 0.73 20.65 21.21
N PHE A 61 0.32 19.50 21.75
CA PHE A 61 0.21 19.40 23.19
C PHE A 61 1.56 19.30 23.87
N GLY A 62 2.53 18.67 23.21
CA GLY A 62 3.90 18.72 23.71
C GLY A 62 4.40 20.15 23.88
N ALA A 63 4.24 20.97 22.84
CA ALA A 63 4.71 22.35 22.90
C ALA A 63 3.99 23.13 23.99
N ILE A 64 2.66 23.00 24.04
CA ILE A 64 1.88 23.67 25.09
C ILE A 64 2.36 23.24 26.47
N SER A 65 2.56 21.95 26.67
CA SER A 65 3.07 21.46 27.94
C SER A 65 4.41 22.09 28.30
N SER A 66 5.32 22.19 27.32
CA SER A 66 6.64 22.74 27.58
C SER A 66 6.57 24.23 27.92
N VAL A 67 5.69 24.97 27.25
CA VAL A 67 5.54 26.39 27.54
C VAL A 67 4.85 26.59 28.88
N LEU A 68 3.82 25.79 29.16
CA LEU A 68 3.17 25.90 30.46
C LEU A 68 4.14 25.62 31.59
N ASN A 69 4.92 24.54 31.46
CA ASN A 69 5.91 24.19 32.48
C ASN A 69 6.90 25.34 32.71
N ASP A 70 7.43 25.91 31.63
CA ASP A 70 8.32 27.05 31.76
C ASP A 70 7.63 28.19 32.50
N ILE A 71 6.39 28.50 32.13
CA ILE A 71 5.65 29.56 32.81
C ILE A 71 5.53 29.27 34.30
N LEU A 72 5.20 28.03 34.66
CA LEU A 72 4.93 27.73 36.06
C LEU A 72 6.17 27.92 36.92
N SER A 73 7.33 27.45 36.45
CA SER A 73 8.57 27.64 37.19
C SER A 73 8.88 29.13 37.38
N ARG A 74 8.80 29.92 36.30
CA ARG A 74 9.04 31.34 36.41
C ARG A 74 8.06 32.02 37.36
N LEU A 75 6.89 31.44 37.54
CA LEU A 75 5.92 31.98 38.50
C LEU A 75 6.25 31.56 39.92
N ASP A 76 6.78 30.34 40.11
CA ASP A 76 7.30 29.97 41.41
C ASP A 76 8.46 30.87 41.84
N LYS A 77 9.27 31.32 40.86
CA LYS A 77 10.44 32.14 41.15
C LYS A 77 10.07 33.48 41.77
N VAL A 78 8.86 33.95 41.56
CA VAL A 78 8.40 35.17 42.18
C VAL A 78 7.39 34.83 43.28
N ASP A 87 4.65 20.06 37.02
CA ASP A 87 4.93 19.02 36.05
C ASP A 87 3.63 18.55 35.37
N VAL A 88 3.00 19.43 34.61
CA VAL A 88 1.67 19.15 34.06
C VAL A 88 1.81 18.24 32.84
N ASP A 89 1.14 17.09 32.89
CA ASP A 89 1.16 16.10 31.81
C ASP A 89 -0.20 16.09 31.14
N LEU A 90 -0.26 16.52 29.89
CA LEU A 90 -1.52 16.45 29.16
C LEU A 90 -1.74 15.04 28.62
N GLY A 91 -3.02 14.72 28.39
CA GLY A 91 -3.41 13.44 27.87
C GLY A 91 -2.73 13.05 26.57
N ASP A 92 -2.17 11.84 26.55
CA ASP A 92 -1.51 11.32 25.36
C ASP A 92 -2.55 10.77 24.39
N ILE A 93 -2.50 11.24 23.14
CA ILE A 93 -3.39 10.75 22.09
C ILE A 93 -2.65 9.95 21.02
N SER A 94 -1.33 9.85 21.10
CA SER A 94 -0.52 9.36 19.98
C SER A 94 -0.80 7.91 19.63
N GLY A 95 -1.48 7.16 20.49
CA GLY A 95 -1.88 5.80 20.16
C GLY A 95 -3.18 5.67 19.39
N ILE A 96 -3.90 6.78 19.17
CA ILE A 96 -5.14 6.74 18.39
C ILE A 96 -4.82 6.58 16.92
N ASN A 97 -5.43 5.60 16.27
CA ASN A 97 -5.00 5.26 14.92
C ASN A 97 -6.20 4.84 14.10
N ALA A 98 -6.31 5.40 12.89
CA ALA A 98 -7.33 4.98 11.93
C ALA A 98 -6.73 3.92 11.00
N SER A 99 -7.49 2.84 10.79
CA SER A 99 -7.09 1.75 9.91
C SER A 99 -7.39 2.12 8.46
N VAL A 100 -6.65 1.51 7.54
CA VAL A 100 -6.92 1.63 6.13
C VAL A 100 -7.64 0.36 5.67
N VAL A 101 -8.31 0.45 4.54
CA VAL A 101 -9.06 -0.69 4.03
C VAL A 101 -8.42 -1.12 2.73
N ASN A 102 -8.49 -2.42 2.42
CA ASN A 102 -7.96 -2.94 1.16
C ASN A 102 -8.96 -3.94 0.63
N ILE A 103 -9.76 -3.52 -0.36
CA ILE A 103 -10.70 -4.40 -1.02
C ILE A 103 -10.36 -4.55 -2.51
N GLN A 104 -9.09 -4.30 -2.88
CA GLN A 104 -8.71 -4.31 -4.29
C GLN A 104 -8.92 -5.68 -4.92
N LYS A 105 -8.66 -6.75 -4.17
CA LYS A 105 -8.89 -8.07 -4.73
C LYS A 105 -10.37 -8.28 -5.06
N GLU A 106 -11.27 -7.80 -4.19
CA GLU A 106 -12.70 -7.95 -4.48
C GLU A 106 -13.10 -7.10 -5.68
N ILE A 107 -12.57 -5.88 -5.76
CA ILE A 107 -12.85 -5.03 -6.92
C ILE A 107 -12.36 -5.66 -8.20
N ASP A 108 -11.15 -6.24 -8.18
CA ASP A 108 -10.63 -6.86 -9.40
C ASP A 108 -11.52 -8.03 -9.84
N ARG A 109 -12.03 -8.80 -8.87
CA ARG A 109 -12.88 -9.95 -9.19
C ARG A 109 -14.17 -9.51 -9.89
N LEU A 110 -14.82 -8.46 -9.38
CA LEU A 110 -16.04 -7.95 -10.05
C LEU A 110 -15.74 -7.50 -11.48
N ASN A 111 -14.65 -6.76 -11.69
CA ASN A 111 -14.32 -6.33 -13.05
C ASN A 111 -13.98 -7.52 -13.94
N GLU A 112 -13.34 -8.54 -13.36
CA GLU A 112 -12.98 -9.72 -14.14
C GLU A 112 -14.24 -10.50 -14.55
N VAL A 113 -15.23 -10.58 -13.65
CA VAL A 113 -16.47 -11.27 -13.98
C VAL A 113 -17.26 -10.49 -15.02
N ALA A 114 -17.30 -9.15 -14.89
CA ALA A 114 -18.00 -8.35 -15.90
C ALA A 114 -17.47 -8.64 -17.30
N LYS A 115 -16.14 -8.79 -17.43
CA LYS A 115 -15.54 -9.12 -18.73
C LYS A 115 -15.74 -10.59 -19.08
N ASN A 116 -15.58 -11.49 -18.12
CA ASN A 116 -15.69 -12.93 -18.38
C ASN A 116 -17.09 -13.31 -18.83
N LEU A 117 -18.12 -12.65 -18.30
CA LEU A 117 -19.49 -13.04 -18.64
C LEU A 117 -19.75 -12.91 -20.15
N ASN A 118 -18.91 -12.17 -20.88
CA ASN A 118 -18.96 -12.19 -22.34
C ASN A 118 -18.87 -13.61 -22.89
N GLU A 119 -18.08 -14.47 -22.24
CA GLU A 119 -17.96 -15.88 -22.64
C GLU A 119 -19.21 -16.69 -22.33
N SER A 120 -20.13 -16.16 -21.53
CA SER A 120 -21.35 -16.90 -21.21
C SER A 120 -22.50 -16.58 -22.14
N LEU A 121 -22.33 -15.65 -23.07
CA LEU A 121 -23.37 -15.32 -24.02
C LEU A 121 -23.71 -16.53 -24.89
N ILE A 122 -24.98 -16.61 -25.31
CA ILE A 122 -25.47 -17.70 -26.16
C ILE A 122 -25.47 -17.24 -27.60
N ASP A 123 -24.78 -17.96 -28.45
CA ASP A 123 -24.90 -17.83 -29.90
C ASP A 123 -25.56 -19.13 -30.42
N LEU A 124 -26.87 -19.08 -30.65
CA LEU A 124 -27.63 -20.26 -31.05
C LEU A 124 -27.22 -20.70 -32.46
N GLN A 125 -27.42 -21.99 -32.75
CA GLN A 125 -27.30 -22.46 -34.12
C GLN A 125 -28.61 -22.26 -34.86
N GLU A 126 -28.56 -21.47 -35.92
CA GLU A 126 -29.67 -21.30 -36.87
C GLU A 126 -30.04 -22.61 -37.55
N THR B 3 24.31 32.90 5.69
CA THR B 3 24.21 31.49 5.34
C THR B 3 22.86 30.89 5.74
N GLN B 4 22.25 31.38 6.82
CA GLN B 4 20.94 30.88 7.20
C GLN B 4 19.90 31.23 6.15
N ASN B 5 19.99 32.43 5.58
CA ASN B 5 19.05 32.81 4.52
C ASN B 5 19.27 31.95 3.27
N VAL B 6 20.52 31.59 2.98
CA VAL B 6 20.80 30.74 1.83
C VAL B 6 20.45 29.28 2.14
N LEU B 7 20.76 28.81 3.36
CA LEU B 7 20.44 27.43 3.70
C LEU B 7 18.93 27.20 3.72
N TYR B 8 18.17 28.12 4.32
CA TYR B 8 16.71 27.96 4.35
C TYR B 8 16.11 28.11 2.96
N GLU B 9 16.59 29.07 2.18
CA GLU B 9 16.09 29.22 0.82
C GLU B 9 16.35 27.96 0.02
N ASN B 10 17.52 27.36 0.21
CA ASN B 10 17.87 26.12 -0.49
C ASN B 10 16.96 24.98 -0.09
N GLN B 11 16.66 24.85 1.21
CA GLN B 11 15.75 23.83 1.68
C GLN B 11 14.37 23.98 1.05
N LYS B 12 13.93 25.22 0.84
CA LYS B 12 12.67 25.45 0.14
C LYS B 12 12.78 24.99 -1.30
N LEU B 13 13.87 25.36 -1.97
CA LEU B 13 14.12 24.92 -3.33
C LEU B 13 14.06 23.41 -3.44
N ILE B 14 14.74 22.72 -2.51
CA ILE B 14 14.80 21.27 -2.56
C ILE B 14 13.41 20.68 -2.38
N ALA B 15 12.67 21.13 -1.36
CA ALA B 15 11.35 20.56 -1.09
C ALA B 15 10.40 20.80 -2.27
N ASN B 16 10.45 21.99 -2.87
CA ASN B 16 9.57 22.32 -3.99
C ASN B 16 9.90 21.50 -5.24
N GLN B 17 11.20 21.34 -5.53
CA GLN B 17 11.60 20.58 -6.71
C GLN B 17 11.30 19.11 -6.54
N PHE B 18 11.54 18.57 -5.33
CA PHE B 18 11.15 17.20 -5.01
C PHE B 18 9.65 17.01 -5.17
N ASN B 19 8.86 17.89 -4.51
CA ASN B 19 7.41 17.78 -4.58
C ASN B 19 6.93 17.83 -6.02
N SER B 20 7.53 18.70 -6.81
CA SER B 20 7.19 18.81 -8.22
C SER B 20 7.49 17.51 -8.94
N ALA B 21 8.64 16.90 -8.66
CA ALA B 21 9.00 15.69 -9.37
C ALA B 21 8.09 14.52 -8.99
N ILE B 22 7.69 14.43 -7.71
CA ILE B 22 6.81 13.34 -7.28
C ILE B 22 5.47 13.42 -8.02
N GLY B 23 4.91 14.62 -8.13
CA GLY B 23 3.65 14.79 -8.87
C GLY B 23 3.75 14.28 -10.30
N LYS B 24 4.86 14.60 -10.97
CA LYS B 24 5.08 14.10 -12.33
C LYS B 24 5.21 12.58 -12.35
N ILE B 25 5.91 12.03 -11.37
CA ILE B 25 6.09 10.58 -11.32
C ILE B 25 4.76 9.88 -11.05
N GLN B 26 3.94 10.40 -10.13
CA GLN B 26 2.60 9.84 -9.90
C GLN B 26 1.80 9.79 -11.20
N ASP B 27 1.85 10.87 -11.98
CA ASP B 27 1.14 10.91 -13.26
C ASP B 27 1.63 9.81 -14.18
N SER B 28 2.96 9.65 -14.28
CA SER B 28 3.51 8.61 -15.14
C SER B 28 3.17 7.21 -14.64
N LEU B 29 3.08 7.02 -13.32
CA LEU B 29 2.67 5.68 -12.85
C LEU B 29 1.23 5.41 -13.24
N SER B 30 0.37 6.44 -13.27
CA SER B 30 -1.03 6.26 -13.64
C SER B 30 -1.17 5.94 -15.11
N SER B 31 -0.46 6.66 -15.95
CA SER B 31 -0.44 6.34 -17.37
C SER B 31 0.08 4.93 -17.61
N THR B 32 1.15 4.54 -16.91
CA THR B 32 1.68 3.19 -17.09
C THR B 32 0.64 2.13 -16.74
N ALA B 33 0.01 2.24 -15.55
CA ALA B 33 -1.06 1.32 -15.15
C ALA B 33 -2.19 1.30 -16.18
N SER B 34 -2.64 2.47 -16.62
CA SER B 34 -3.68 2.53 -17.65
C SER B 34 -3.26 1.78 -18.93
N ALA B 35 -2.03 2.00 -19.40
CA ALA B 35 -1.58 1.36 -20.64
C ALA B 35 -1.49 -0.16 -20.47
N LEU B 36 -0.93 -0.62 -19.33
CA LEU B 36 -0.87 -2.06 -19.06
C LEU B 36 -2.26 -2.66 -19.04
N GLY B 37 -3.23 -1.98 -18.40
CA GLY B 37 -4.58 -2.51 -18.34
C GLY B 37 -5.23 -2.67 -19.71
N LYS B 38 -5.02 -1.70 -20.62
CA LYS B 38 -5.57 -1.80 -21.97
C LYS B 38 -4.89 -2.90 -22.79
N LEU B 39 -3.55 -3.01 -22.69
CA LEU B 39 -2.87 -4.13 -23.34
C LEU B 39 -3.40 -5.47 -22.83
N GLN B 40 -3.49 -5.64 -21.50
CA GLN B 40 -4.02 -6.88 -20.95
C GLN B 40 -5.39 -7.20 -21.55
N ASP B 41 -6.25 -6.19 -21.67
CA ASP B 41 -7.62 -6.43 -22.14
C ASP B 41 -7.63 -6.86 -23.60
N VAL B 42 -6.84 -6.18 -24.44
CA VAL B 42 -6.86 -6.50 -25.87
C VAL B 42 -6.15 -7.83 -26.13
N VAL B 43 -5.05 -8.08 -25.43
CA VAL B 43 -4.38 -9.38 -25.59
C VAL B 43 -5.34 -10.52 -25.23
N ASN B 44 -6.07 -10.39 -24.11
CA ASN B 44 -6.99 -11.46 -23.70
C ASN B 44 -8.20 -11.56 -24.62
N GLN B 45 -8.69 -10.43 -25.12
CA GLN B 45 -9.74 -10.44 -26.13
C GLN B 45 -9.28 -11.18 -27.38
N ASN B 46 -8.06 -10.88 -27.87
CA ASN B 46 -7.60 -11.51 -29.11
C ASN B 46 -7.24 -12.98 -28.90
N ALA B 47 -6.80 -13.34 -27.69
CA ALA B 47 -6.64 -14.75 -27.35
C ALA B 47 -7.98 -15.50 -27.44
N GLN B 48 -9.03 -14.93 -26.86
CA GLN B 48 -10.34 -15.61 -26.91
C GLN B 48 -10.84 -15.69 -28.35
N ALA B 49 -10.64 -14.64 -29.14
CA ALA B 49 -11.03 -14.72 -30.55
C ALA B 49 -10.33 -15.86 -31.24
N LEU B 50 -9.02 -15.99 -31.01
CA LEU B 50 -8.26 -17.08 -31.63
C LEU B 50 -8.75 -18.44 -31.14
N ASN B 51 -8.98 -18.58 -29.82
CA ASN B 51 -9.51 -19.85 -29.33
C ASN B 51 -10.90 -20.13 -29.89
N THR B 52 -11.79 -19.12 -29.90
CA THR B 52 -13.08 -19.33 -30.57
C THR B 52 -12.88 -19.75 -32.02
N LEU B 53 -11.98 -19.07 -32.75
CA LEU B 53 -11.72 -19.48 -34.13
C LEU B 53 -11.33 -20.95 -34.21
N VAL B 54 -10.35 -21.38 -33.40
CA VAL B 54 -9.85 -22.75 -33.48
C VAL B 54 -11.00 -23.76 -33.33
N LYS B 55 -11.86 -23.55 -32.33
CA LYS B 55 -12.90 -24.56 -32.09
C LYS B 55 -13.90 -24.59 -33.24
N GLN B 56 -14.23 -23.43 -33.81
CA GLN B 56 -15.19 -23.42 -34.91
C GLN B 56 -14.56 -24.01 -36.18
N LEU B 57 -13.26 -23.79 -36.40
CA LEU B 57 -12.62 -24.40 -37.57
C LEU B 57 -12.63 -25.92 -37.47
N SER B 58 -12.27 -26.46 -36.31
CA SER B 58 -12.22 -27.91 -36.17
C SER B 58 -13.60 -28.52 -36.42
N SER B 59 -14.66 -27.85 -35.98
CA SER B 59 -16.01 -28.33 -36.30
C SER B 59 -16.33 -28.19 -37.79
N ASN B 60 -15.79 -27.18 -38.47
CA ASN B 60 -15.96 -27.06 -39.91
C ASN B 60 -15.24 -28.18 -40.66
N PHE B 61 -14.02 -28.52 -40.23
CA PHE B 61 -13.29 -29.57 -40.90
C PHE B 61 -13.91 -30.93 -40.66
N GLY B 62 -14.55 -31.12 -39.51
CA GLY B 62 -15.24 -32.38 -39.26
C GLY B 62 -16.43 -32.55 -40.18
N ALA B 63 -17.23 -31.49 -40.37
CA ALA B 63 -18.34 -31.55 -41.29
C ALA B 63 -17.86 -31.80 -42.71
N ILE B 64 -16.80 -31.09 -43.13
CA ILE B 64 -16.25 -31.29 -44.47
C ILE B 64 -15.81 -32.74 -44.66
N SER B 65 -15.13 -33.29 -43.65
CA SER B 65 -14.61 -34.66 -43.78
C SER B 65 -15.74 -35.67 -43.97
N SER B 66 -16.81 -35.54 -43.18
CA SER B 66 -17.88 -36.53 -43.27
C SER B 66 -18.72 -36.36 -44.53
N VAL B 67 -18.79 -35.15 -45.08
CA VAL B 67 -19.44 -34.99 -46.37
C VAL B 67 -18.57 -35.57 -47.47
N LEU B 68 -17.27 -35.31 -47.39
CA LEU B 68 -16.34 -35.92 -48.33
C LEU B 68 -16.41 -37.44 -48.24
N ASN B 69 -16.43 -37.98 -47.02
CA ASN B 69 -16.52 -39.42 -46.86
C ASN B 69 -17.78 -39.98 -47.51
N ASP B 70 -18.92 -39.34 -47.24
CA ASP B 70 -20.17 -39.75 -47.86
C ASP B 70 -20.06 -39.69 -49.39
N ILE B 71 -19.47 -38.62 -49.92
CA ILE B 71 -19.32 -38.52 -51.37
C ILE B 71 -18.47 -39.66 -51.91
N LEU B 72 -17.42 -40.03 -51.19
CA LEU B 72 -16.46 -40.99 -51.74
C LEU B 72 -17.06 -42.39 -51.80
N SER B 73 -17.79 -42.80 -50.76
CA SER B 73 -18.51 -44.07 -50.82
C SER B 73 -19.59 -44.04 -51.89
N ARG B 74 -20.27 -42.89 -52.06
CA ARG B 74 -21.28 -42.76 -53.10
C ARG B 74 -20.72 -43.08 -54.48
N LEU B 75 -19.44 -42.75 -54.71
CA LEU B 75 -18.83 -42.94 -56.02
C LEU B 75 -18.14 -44.28 -56.17
N ASP B 76 -17.77 -44.93 -55.07
CA ASP B 76 -17.26 -46.29 -55.16
C ASP B 76 -18.34 -47.26 -55.62
N LYS B 77 -19.60 -46.96 -55.30
CA LYS B 77 -20.70 -47.85 -55.61
C LYS B 77 -21.31 -47.58 -56.98
N VAL B 78 -20.70 -46.70 -57.78
CA VAL B 78 -21.00 -46.55 -59.20
C VAL B 78 -19.78 -46.97 -60.02
N ASP B 87 -11.03 -43.21 -46.21
CA ASP B 87 -11.50 -42.41 -45.08
C ASP B 87 -10.62 -41.18 -44.85
N VAL B 88 -11.11 -40.02 -45.33
CA VAL B 88 -10.35 -38.78 -45.27
C VAL B 88 -10.27 -38.29 -43.83
N ASP B 89 -9.05 -38.02 -43.36
CA ASP B 89 -8.81 -37.46 -42.03
C ASP B 89 -8.01 -36.17 -42.19
N LEU B 90 -8.63 -35.04 -41.90
CA LEU B 90 -7.94 -33.76 -41.99
C LEU B 90 -7.10 -33.51 -40.73
N GLY B 91 -6.13 -32.60 -40.89
CA GLY B 91 -5.30 -32.19 -39.78
C GLY B 91 -6.06 -31.72 -38.55
N ASP B 92 -5.75 -32.35 -37.42
CA ASP B 92 -6.24 -31.90 -36.13
C ASP B 92 -5.64 -30.53 -35.80
N ILE B 93 -6.48 -29.56 -35.46
CA ILE B 93 -6.02 -28.29 -34.93
C ILE B 93 -6.51 -28.01 -33.53
N SER B 94 -7.33 -28.91 -32.97
CA SER B 94 -8.01 -28.68 -31.69
C SER B 94 -7.06 -28.39 -30.55
N GLY B 95 -5.81 -28.83 -30.62
CA GLY B 95 -4.86 -28.56 -29.55
C GLY B 95 -4.16 -27.20 -29.61
N ILE B 96 -4.38 -26.43 -30.67
CA ILE B 96 -3.80 -25.09 -30.74
C ILE B 96 -4.57 -24.18 -29.81
N ASN B 97 -3.86 -23.47 -28.94
CA ASN B 97 -4.49 -22.71 -27.87
C ASN B 97 -3.73 -21.42 -27.60
N ALA B 98 -4.47 -20.32 -27.50
CA ALA B 98 -3.90 -19.03 -27.14
C ALA B 98 -3.96 -18.84 -25.63
N SER B 99 -2.86 -18.41 -25.03
CA SER B 99 -2.87 -18.15 -23.59
C SER B 99 -3.47 -16.79 -23.28
N VAL B 100 -3.94 -16.64 -22.05
CA VAL B 100 -4.42 -15.35 -21.56
C VAL B 100 -3.37 -14.80 -20.59
N VAL B 101 -3.39 -13.49 -20.36
CA VAL B 101 -2.38 -12.88 -19.50
C VAL B 101 -3.09 -12.34 -18.26
N ASN B 102 -2.38 -12.33 -17.14
CA ASN B 102 -2.91 -11.74 -15.90
C ASN B 102 -1.82 -10.91 -15.26
N ILE B 103 -1.90 -9.58 -15.46
CA ILE B 103 -0.96 -8.68 -14.82
C ILE B 103 -1.69 -7.73 -13.87
N GLN B 104 -2.83 -8.16 -13.33
CA GLN B 104 -3.63 -7.23 -12.51
C GLN B 104 -2.94 -6.87 -11.19
N LYS B 105 -2.22 -7.81 -10.59
CA LYS B 105 -1.49 -7.49 -9.38
C LYS B 105 -0.46 -6.38 -9.63
N GLU B 106 0.25 -6.45 -10.74
CA GLU B 106 1.20 -5.40 -11.10
C GLU B 106 0.51 -4.07 -11.35
N ILE B 107 -0.59 -4.06 -12.10
CA ILE B 107 -1.35 -2.82 -12.33
C ILE B 107 -1.84 -2.22 -11.01
N ASP B 108 -2.34 -3.04 -10.09
CA ASP B 108 -2.80 -2.55 -8.78
C ASP B 108 -1.66 -1.93 -7.98
N ARG B 109 -0.48 -2.54 -8.01
CA ARG B 109 0.65 -1.99 -7.28
C ARG B 109 1.04 -0.61 -7.84
N LEU B 110 1.01 -0.45 -9.16
CA LEU B 110 1.36 0.86 -9.73
C LEU B 110 0.37 1.93 -9.30
N ASN B 111 -0.94 1.63 -9.34
CA ASN B 111 -1.92 2.62 -8.90
C ASN B 111 -1.80 2.85 -7.40
N GLU B 112 -1.45 1.82 -6.65
CA GLU B 112 -1.28 2.00 -5.21
C GLU B 112 -0.09 2.89 -4.89
N VAL B 113 1.02 2.73 -5.62
CA VAL B 113 2.18 3.59 -5.38
C VAL B 113 1.88 5.04 -5.77
N ALA B 114 1.21 5.25 -6.91
CA ALA B 114 0.82 6.60 -7.32
C ALA B 114 0.05 7.31 -6.21
N LYS B 115 -0.91 6.63 -5.57
CA LYS B 115 -1.62 7.28 -4.46
C LYS B 115 -0.73 7.40 -3.22
N ASN B 116 0.10 6.38 -2.97
CA ASN B 116 0.90 6.31 -1.75
C ASN B 116 1.94 7.42 -1.71
N LEU B 117 2.53 7.77 -2.87
CA LEU B 117 3.55 8.81 -2.93
C LEU B 117 3.06 10.15 -2.37
N ASN B 118 1.73 10.36 -2.26
CA ASN B 118 1.24 11.55 -1.56
C ASN B 118 1.78 11.62 -0.14
N GLU B 119 1.97 10.47 0.50
CA GLU B 119 2.56 10.45 1.84
C GLU B 119 4.04 10.82 1.84
N SER B 120 4.71 10.75 0.69
CA SER B 120 6.12 11.07 0.61
C SER B 120 6.38 12.54 0.38
N LEU B 121 5.35 13.34 0.19
CA LEU B 121 5.56 14.76 -0.11
C LEU B 121 6.09 15.46 1.13
N ILE B 122 6.83 16.56 0.90
CA ILE B 122 7.50 17.30 1.96
C ILE B 122 6.69 18.53 2.30
N ASP B 123 6.37 18.70 3.58
CA ASP B 123 5.89 19.98 4.09
C ASP B 123 6.89 20.50 5.12
N LEU B 124 7.65 21.52 4.74
CA LEU B 124 8.73 22.02 5.59
C LEU B 124 8.18 22.83 6.77
N GLN B 125 8.87 22.73 7.90
CA GLN B 125 8.62 23.66 9.00
C GLN B 125 9.16 25.03 8.63
N GLU B 126 8.28 26.03 8.64
CA GLU B 126 8.67 27.42 8.37
C GLU B 126 9.29 28.03 9.61
N VAL C 2 -11.84 -32.36 -0.64
CA VAL C 2 -11.12 -31.90 -1.82
C VAL C 2 -9.83 -31.24 -1.35
N THR C 3 -8.69 -31.79 -1.76
CA THR C 3 -7.42 -31.31 -1.19
C THR C 3 -7.06 -29.93 -1.73
N GLN C 4 -7.57 -29.58 -2.91
CA GLN C 4 -7.19 -28.32 -3.53
C GLN C 4 -7.70 -27.13 -2.73
N ASN C 5 -8.94 -27.18 -2.29
CA ASN C 5 -9.52 -26.03 -1.60
C ASN C 5 -9.10 -25.98 -0.14
N VAL C 6 -8.76 -27.12 0.47
CA VAL C 6 -8.13 -27.08 1.78
C VAL C 6 -6.74 -26.45 1.69
N LEU C 7 -5.98 -26.81 0.66
CA LEU C 7 -4.69 -26.18 0.44
C LEU C 7 -4.85 -24.69 0.21
N TYR C 8 -5.74 -24.31 -0.71
CA TYR C 8 -5.98 -22.90 -0.96
C TYR C 8 -6.51 -22.20 0.28
N GLU C 9 -7.45 -22.84 1.00
CA GLU C 9 -7.87 -22.33 2.30
C GLU C 9 -6.67 -22.09 3.21
N ASN C 10 -5.73 -23.02 3.22
CA ASN C 10 -4.62 -22.95 4.15
C ASN C 10 -3.62 -21.87 3.77
N GLN C 11 -3.31 -21.74 2.47
CA GLN C 11 -2.48 -20.63 2.01
C GLN C 11 -3.10 -19.30 2.40
N LYS C 12 -4.42 -19.15 2.23
CA LYS C 12 -5.09 -17.93 2.64
C LYS C 12 -4.84 -17.63 4.12
N LEU C 13 -4.93 -18.64 4.98
CA LEU C 13 -4.74 -18.41 6.40
C LEU C 13 -3.29 -18.08 6.73
N ILE C 14 -2.34 -18.78 6.11
CA ILE C 14 -0.92 -18.49 6.35
C ILE C 14 -0.60 -17.03 6.05
N ALA C 15 -1.01 -16.57 4.86
CA ALA C 15 -0.68 -15.21 4.42
C ALA C 15 -1.39 -14.17 5.26
N ASN C 16 -2.57 -14.49 5.80
CA ASN C 16 -3.27 -13.52 6.65
C ASN C 16 -2.69 -13.49 8.05
N GLN C 17 -2.36 -14.64 8.62
CA GLN C 17 -1.74 -14.67 9.93
C GLN C 17 -0.36 -14.03 9.88
N PHE C 18 0.41 -14.31 8.82
CA PHE C 18 1.71 -13.67 8.63
C PHE C 18 1.56 -12.16 8.48
N ASN C 19 0.66 -11.73 7.59
CA ASN C 19 0.40 -10.30 7.41
C ASN C 19 -0.01 -9.65 8.73
N SER C 20 -0.89 -10.31 9.48
CA SER C 20 -1.22 -9.86 10.83
C SER C 20 0.03 -9.70 11.68
N ALA C 21 0.81 -10.78 11.81
CA ALA C 21 1.97 -10.78 12.70
C ALA C 21 2.92 -9.63 12.37
N ILE C 22 3.17 -9.39 11.07
CA ILE C 22 4.06 -8.31 10.64
C ILE C 22 3.52 -6.96 11.11
N GLY C 23 2.20 -6.76 11.00
CA GLY C 23 1.63 -5.50 11.46
C GLY C 23 1.95 -5.21 12.91
N LYS C 24 1.72 -6.21 13.78
CA LYS C 24 1.95 -6.00 15.21
C LYS C 24 3.43 -5.81 15.51
N ILE C 25 4.30 -6.52 14.81
CA ILE C 25 5.74 -6.34 15.01
C ILE C 25 6.21 -5.02 14.44
N GLN C 26 5.58 -4.54 13.35
CA GLN C 26 5.94 -3.23 12.83
C GLN C 26 5.77 -2.14 13.88
N ASP C 27 4.71 -2.23 14.70
CA ASP C 27 4.45 -1.19 15.69
C ASP C 27 5.25 -1.43 16.97
N SER C 28 5.55 -2.70 17.28
CA SER C 28 6.56 -2.97 18.31
C SER C 28 7.88 -2.30 17.99
N LEU C 29 8.27 -2.30 16.72
CA LEU C 29 9.53 -1.67 16.34
C LEU C 29 9.46 -0.15 16.50
N SER C 30 8.29 0.44 16.22
CA SER C 30 8.12 1.88 16.42
C SER C 30 8.08 2.21 17.92
N SER C 31 7.55 1.30 18.75
CA SER C 31 7.47 1.57 20.18
C SER C 31 8.84 1.53 20.85
N THR C 32 9.71 0.62 20.41
CA THR C 32 11.06 0.53 20.97
C THR C 32 11.95 1.63 20.42
N ALA C 33 11.79 1.97 19.14
CA ALA C 33 12.44 3.15 18.60
C ALA C 33 12.02 4.39 19.37
N SER C 34 10.76 4.44 19.79
CA SER C 34 10.27 5.58 20.55
C SER C 34 10.77 5.54 21.99
N ALA C 35 10.88 4.35 22.59
CA ALA C 35 11.38 4.27 23.96
C ALA C 35 12.86 4.61 24.02
N LEU C 36 13.65 4.15 23.04
CA LEU C 36 15.08 4.43 23.03
C LEU C 36 15.36 5.91 22.76
N GLY C 37 14.55 6.54 21.91
CA GLY C 37 14.73 7.96 21.66
C GLY C 37 14.59 8.78 22.94
N LYS C 38 13.52 8.52 23.69
CA LYS C 38 13.31 9.25 24.94
C LYS C 38 14.43 8.97 25.93
N LEU C 39 14.81 7.69 26.07
CA LEU C 39 15.90 7.34 26.98
C LEU C 39 17.19 8.06 26.58
N GLN C 40 17.47 8.17 25.28
CA GLN C 40 18.65 8.89 24.83
C GLN C 40 18.57 10.36 25.22
N ASP C 41 17.38 10.96 25.10
CA ASP C 41 17.22 12.39 25.41
C ASP C 41 17.37 12.64 26.90
N VAL C 42 16.69 11.83 27.73
CA VAL C 42 16.72 12.08 29.17
C VAL C 42 18.11 11.82 29.74
N VAL C 43 18.81 10.79 29.25
CA VAL C 43 20.13 10.49 29.80
C VAL C 43 21.13 11.58 29.45
N ASN C 44 21.04 12.14 28.23
CA ASN C 44 22.05 13.11 27.82
C ASN C 44 21.86 14.46 28.52
N GLN C 45 20.61 14.89 28.66
CA GLN C 45 20.29 16.10 29.43
C GLN C 45 20.65 15.95 30.90
N ASN C 46 20.50 14.73 31.44
CA ASN C 46 20.99 14.47 32.80
C ASN C 46 22.51 14.47 32.85
N ALA C 47 23.16 14.14 31.73
CA ALA C 47 24.61 14.23 31.66
C ALA C 47 25.06 15.69 31.60
N GLN C 48 24.36 16.51 30.83
CA GLN C 48 24.67 17.95 30.80
C GLN C 48 24.52 18.55 32.19
N ALA C 49 23.33 18.37 32.80
CA ALA C 49 23.05 18.91 34.13
C ALA C 49 24.14 18.54 35.14
N LEU C 50 24.60 17.29 35.10
CA LEU C 50 25.69 16.90 35.99
C LEU C 50 26.97 17.66 35.65
N ASN C 51 27.28 17.78 34.36
CA ASN C 51 28.48 18.51 33.95
C ASN C 51 28.39 19.98 34.35
N THR C 52 27.27 20.64 34.04
CA THR C 52 27.08 22.01 34.51
C THR C 52 27.23 22.10 36.03
N LEU C 53 26.75 21.10 36.76
CA LEU C 53 26.85 21.12 38.21
C LEU C 53 28.31 21.22 38.65
N VAL C 54 29.13 20.26 38.23
CA VAL C 54 30.53 20.25 38.66
C VAL C 54 31.26 21.49 38.16
N LYS C 55 30.91 21.94 36.95
CA LYS C 55 31.44 23.20 36.45
C LYS C 55 31.21 24.32 37.46
N GLN C 56 29.97 24.48 37.90
CA GLN C 56 29.65 25.55 38.84
C GLN C 56 30.18 25.24 40.23
N LEU C 57 30.22 23.97 40.62
CA LEU C 57 30.70 23.63 41.95
C LEU C 57 32.19 23.94 42.11
N SER C 58 32.99 23.68 41.07
CA SER C 58 34.42 23.94 41.17
C SER C 58 34.72 25.43 41.29
N SER C 59 33.95 26.29 40.61
CA SER C 59 34.09 27.72 40.79
C SER C 59 33.67 28.15 42.20
N ASN C 60 32.62 27.52 42.73
CA ASN C 60 32.19 27.82 44.10
C ASN C 60 33.32 27.57 45.09
N PHE C 61 33.91 26.37 45.05
CA PHE C 61 35.00 26.06 45.95
C PHE C 61 36.20 26.97 45.74
N GLY C 62 36.38 27.48 44.52
CA GLY C 62 37.49 28.39 44.26
C GLY C 62 37.26 29.75 44.88
N ALA C 63 35.99 30.18 44.95
CA ALA C 63 35.68 31.42 45.63
C ALA C 63 35.75 31.24 47.14
N ILE C 64 35.17 30.15 47.64
CA ILE C 64 35.39 29.74 49.02
C ILE C 64 36.89 29.64 49.29
N SER C 65 37.64 29.01 48.38
CA SER C 65 39.08 28.83 48.55
C SER C 65 39.77 30.11 49.02
N SER C 66 39.52 31.22 48.33
CA SER C 66 40.29 32.43 48.58
C SER C 66 39.60 33.42 49.51
N VAL C 67 38.30 33.24 49.79
CA VAL C 67 37.66 34.04 50.85
C VAL C 67 38.19 33.63 52.22
N LEU C 68 38.48 32.32 52.40
CA LEU C 68 39.14 31.88 53.64
C LEU C 68 40.64 32.15 53.62
N ASN C 69 41.27 32.03 52.46
CA ASN C 69 42.70 32.32 52.41
C ASN C 69 42.99 33.75 52.86
N ASP C 70 42.27 34.73 52.31
CA ASP C 70 42.48 36.09 52.80
C ASP C 70 42.00 36.22 54.26
N ILE C 71 40.90 35.55 54.63
CA ILE C 71 40.47 35.56 56.03
C ILE C 71 41.61 35.11 56.93
N LEU C 72 42.23 33.97 56.62
CA LEU C 72 43.12 33.32 57.58
C LEU C 72 44.44 34.08 57.77
N SER C 73 44.81 34.96 56.84
CA SER C 73 46.01 35.77 57.04
C SER C 73 45.66 37.11 57.72
N ARG C 74 44.44 37.62 57.51
CA ARG C 74 43.97 38.74 58.32
C ARG C 74 43.90 38.35 59.79
N LEU C 75 43.55 37.11 60.08
CA LEU C 75 43.57 36.60 61.45
C LEU C 75 44.98 36.71 62.04
N ASP C 92 39.97 18.96 44.19
CA ASP C 92 39.43 19.32 42.88
C ASP C 92 38.41 18.28 42.38
N ILE C 93 37.33 18.77 41.77
CA ILE C 93 36.33 17.90 41.13
C ILE C 93 36.28 18.09 39.63
N SER C 94 37.13 18.94 39.06
CA SER C 94 36.99 19.38 37.67
C SER C 94 37.11 18.23 36.67
N GLY C 95 37.82 17.15 37.01
CA GLY C 95 37.96 16.02 36.11
C GLY C 95 36.75 15.10 36.06
N ILE C 96 35.72 15.38 36.86
CA ILE C 96 34.52 14.55 36.89
C ILE C 96 33.64 14.92 35.70
N ASN C 97 33.30 13.94 34.88
CA ASN C 97 32.57 14.20 33.66
C ASN C 97 31.53 13.12 33.49
N ALA C 98 30.40 13.51 32.92
CA ALA C 98 29.38 12.57 32.48
C ALA C 98 29.41 12.52 30.95
N SER C 99 29.54 11.32 30.40
CA SER C 99 29.53 11.19 28.96
C SER C 99 28.09 11.32 28.47
N VAL C 100 27.93 11.28 27.16
CA VAL C 100 26.61 11.37 26.55
C VAL C 100 26.48 10.18 25.62
N VAL C 101 25.25 9.74 25.39
CA VAL C 101 24.98 8.53 24.61
C VAL C 101 24.54 8.92 23.21
N ASN C 102 24.98 8.14 22.22
CA ASN C 102 24.59 8.31 20.83
C ASN C 102 24.10 6.95 20.34
N ILE C 103 22.78 6.81 20.25
CA ILE C 103 22.15 5.59 19.75
C ILE C 103 21.22 5.95 18.60
N GLN C 104 21.52 7.06 17.92
CA GLN C 104 20.64 7.54 16.87
C GLN C 104 20.64 6.62 15.66
N LYS C 105 21.82 6.08 15.30
CA LYS C 105 21.85 5.10 14.20
C LYS C 105 20.90 3.96 14.49
N GLU C 106 21.00 3.34 15.68
CA GLU C 106 20.12 2.24 16.04
C GLU C 106 18.65 2.64 15.99
N ILE C 107 18.31 3.84 16.49
CA ILE C 107 16.92 4.28 16.48
C ILE C 107 16.38 4.34 15.06
N ASP C 108 17.14 4.95 14.16
CA ASP C 108 16.72 5.03 12.77
C ASP C 108 16.63 3.65 12.14
N ARG C 109 17.56 2.78 12.51
CA ARG C 109 17.55 1.44 12.03
C ARG C 109 16.18 0.76 12.29
N LEU C 110 15.64 0.89 13.49
CA LEU C 110 14.33 0.33 13.84
C LEU C 110 13.22 0.94 13.00
N ASN C 111 13.19 2.27 12.87
CA ASN C 111 12.13 2.93 12.11
C ASN C 111 12.14 2.49 10.65
N GLU C 112 13.34 2.36 10.06
CA GLU C 112 13.40 1.98 8.65
C GLU C 112 12.99 0.53 8.45
N VAL C 113 13.39 -0.36 9.37
CA VAL C 113 12.87 -1.72 9.32
C VAL C 113 11.35 -1.71 9.45
N ALA C 114 10.82 -0.92 10.38
CA ALA C 114 9.37 -0.90 10.63
C ALA C 114 8.59 -0.66 9.35
N LYS C 115 9.05 0.27 8.49
CA LYS C 115 8.33 0.55 7.27
C LYS C 115 8.91 -0.17 6.04
N ASN C 116 10.10 -0.74 6.14
CA ASN C 116 10.50 -1.65 5.07
C ASN C 116 9.84 -3.02 5.22
N LEU C 117 9.25 -3.29 6.39
CA LEU C 117 8.44 -4.49 6.57
C LEU C 117 7.14 -4.45 5.79
N ASN C 118 6.73 -3.28 5.27
CA ASN C 118 5.71 -3.25 4.24
C ASN C 118 6.13 -4.07 3.03
N GLU C 119 7.42 -4.07 2.74
CA GLU C 119 7.99 -4.77 1.62
C GLU C 119 7.95 -6.29 1.71
N SER C 120 7.62 -6.85 2.87
CA SER C 120 7.59 -8.28 3.06
C SER C 120 6.17 -8.83 3.22
N LEU C 121 5.14 -8.00 3.07
CA LEU C 121 3.77 -8.49 3.16
C LEU C 121 3.38 -9.24 1.89
N ILE C 122 2.45 -10.19 2.07
CA ILE C 122 2.14 -11.20 1.07
C ILE C 122 0.83 -10.85 0.37
N ASP C 123 0.91 -10.57 -0.93
CA ASP C 123 -0.26 -10.41 -1.79
C ASP C 123 -0.40 -11.70 -2.59
N LEU C 124 -1.23 -12.61 -2.06
CA LEU C 124 -1.41 -13.91 -2.66
C LEU C 124 -2.21 -13.80 -3.95
N GLN C 125 -1.90 -14.68 -4.91
CA GLN C 125 -2.60 -14.67 -6.19
C GLN C 125 -3.87 -15.52 -6.09
N GLU C 126 -5.00 -14.87 -6.32
CA GLU C 126 -6.31 -15.53 -6.37
C GLU C 126 -6.31 -16.72 -7.34
#